data_5QQB
#
_entry.id   5QQB
#
_cell.length_a   57.762
_cell.length_b   57.762
_cell.length_c   394.812
_cell.angle_alpha   90.000
_cell.angle_beta   90.000
_cell.angle_gamma   120.000
#
_symmetry.space_group_name_H-M   'P 61 2 2'
#
loop_
_entity.id
_entity.type
_entity.pdbx_description
1 polymer 'Farnesyl diphosphate synthase'
2 non-polymer 'SULFATE ION'
3 non-polymer 'ACETATE ION'
4 non-polymer 'ZINC ION'
5 non-polymer 8-fluoranyl-5-methyl-1,2,3,6-tetrahydro-1,5-benzodiazocin-4-one
6 water water
#
_entity_poly.entity_id   1
_entity_poly.type   'polypeptide(L)'
_entity_poly.pdbx_seq_one_letter_code
;GPMASMERFLSVYDEVQAFLLDQLQSKYEIDPNRARYLRIMMDTTCLGGKYFRGMTVVNVAEGFLAVTQHDEATKERILH
DACVGGWMIEFLQAHYLVEDDIMDGSVMRRGKPCWYRFPGVTTQCAINDGIILKSWTQIMAWHYFADRPFLKDLLCLFQK
VDYATAVGQMYDVTSMCDSNKLDPEVAQPMTTDFAEFTPAIYKRIVKYKTTFYTYLLPLVMGLLVSEAAASVEMNLVERV
AHLIGEYFQVQDDVMDCFTPPEQLGKVGTDIEDAKCSWLAVTFLGKANAAQVAEFKANYGEKDPAKVAVVKRLYSKANLQ
ADFAAYEAEVVREVESLIEQLKVKSPTFAESVAVVWEKTHKRKK
;
_entity_poly.pdbx_strand_id   A
#
# COMPACT_ATOMS: atom_id res chain seq x y z
N MET A 3 -0.57 -19.91 -20.27
CA MET A 3 0.54 -18.92 -19.89
C MET A 3 0.65 -18.65 -18.37
N ALA A 4 1.86 -18.63 -17.77
CA ALA A 4 1.97 -18.39 -16.31
C ALA A 4 1.59 -16.94 -16.06
N SER A 5 0.99 -16.77 -14.90
CA SER A 5 0.39 -15.48 -14.53
C SER A 5 1.35 -14.30 -14.53
N MET A 6 2.50 -14.51 -13.94
CA MET A 6 3.47 -13.41 -13.86
C MET A 6 3.97 -12.98 -15.24
N GLU A 7 4.22 -13.91 -16.15
CA GLU A 7 4.70 -13.47 -17.49
C GLU A 7 3.60 -12.82 -18.27
N ARG A 8 2.34 -13.24 -18.05
CA ARG A 8 1.26 -12.49 -18.58
C ARG A 8 1.23 -11.04 -18.08
N PHE A 9 1.30 -10.93 -16.78
CA PHE A 9 1.31 -9.65 -16.12
C PHE A 9 2.42 -8.71 -16.59
N LEU A 10 3.65 -9.23 -16.65
CA LEU A 10 4.75 -8.46 -17.20
C LEU A 10 4.61 -8.13 -18.66
N SER A 11 4.05 -9.03 -19.48
CA SER A 11 3.78 -8.71 -20.87
C SER A 11 2.80 -7.62 -21.04
N VAL A 12 1.77 -7.59 -20.22
CA VAL A 12 0.76 -6.53 -20.29
C VAL A 12 1.38 -5.20 -19.85
N TYR A 13 2.36 -5.20 -18.92
CA TYR A 13 3.08 -3.94 -18.62
C TYR A 13 3.65 -3.35 -19.92
N ASP A 14 4.31 -4.18 -20.72
CA ASP A 14 4.94 -3.64 -21.90
C ASP A 14 3.90 -3.09 -22.91
N GLU A 15 2.75 -3.76 -22.99
CA GLU A 15 1.76 -3.39 -23.84
C GLU A 15 1.14 -2.03 -23.40
N VAL A 16 0.85 -1.94 -22.11
CA VAL A 16 0.26 -0.74 -21.60
C VAL A 16 1.26 0.42 -21.74
N GLN A 17 2.52 0.19 -21.44
CA GLN A 17 3.56 1.25 -21.67
C GLN A 17 3.55 1.75 -23.09
N ALA A 18 3.58 0.78 -24.03
CA ALA A 18 3.59 1.16 -25.42
C ALA A 18 2.38 1.98 -25.81
N PHE A 19 1.21 1.56 -25.30
CA PHE A 19 0.02 2.21 -25.55
C PHE A 19 0.06 3.67 -25.05
N LEU A 20 0.57 3.86 -23.82
CA LEU A 20 0.53 5.18 -23.20
C LEU A 20 1.48 6.09 -23.97
N LEU A 21 2.67 5.58 -24.27
CA LEU A 21 3.67 6.42 -25.00
C LEU A 21 3.27 6.68 -26.42
N ASP A 22 2.70 5.69 -27.11
CA ASP A 22 2.15 5.92 -28.47
C ASP A 22 1.05 6.98 -28.50
N GLN A 23 0.19 6.94 -27.48
CA GLN A 23 -0.85 7.91 -27.33
C GLN A 23 -0.29 9.31 -27.09
N LEU A 24 0.74 9.42 -26.26
CA LEU A 24 1.32 10.73 -26.02
C LEU A 24 1.83 11.30 -27.33
N GLN A 25 2.38 10.41 -28.18
CA GLN A 25 2.87 10.89 -29.48
C GLN A 25 1.75 11.25 -30.46
N SER A 26 0.70 10.47 -30.54
CA SER A 26 -0.36 10.78 -31.48
C SER A 26 -1.34 11.79 -31.09
N LYS A 27 -1.58 11.98 -29.78
CA LYS A 27 -2.62 12.85 -29.33
C LYS A 27 -2.14 14.01 -28.45
N TYR A 28 -0.92 13.93 -27.92
CA TYR A 28 -0.44 15.00 -26.94
C TYR A 28 0.85 15.68 -27.37
N GLU A 29 1.27 15.43 -28.61
CA GLU A 29 2.31 16.22 -29.27
C GLU A 29 3.69 15.96 -28.64
N ILE A 30 3.87 14.83 -27.98
CA ILE A 30 5.13 14.61 -27.29
C ILE A 30 6.22 14.38 -28.26
N ASP A 31 7.42 14.77 -27.88
CA ASP A 31 8.64 14.55 -28.62
C ASP A 31 9.31 13.32 -28.07
N PRO A 32 10.24 12.71 -28.81
CA PRO A 32 10.85 11.46 -28.46
C PRO A 32 11.66 11.53 -27.22
N ASN A 33 12.27 12.68 -26.92
CA ASN A 33 13.10 12.68 -25.76
C ASN A 33 12.27 12.70 -24.41
N ARG A 34 11.19 13.44 -24.50
CA ARG A 34 10.29 13.51 -23.31
C ARG A 34 9.53 12.19 -23.15
N ALA A 35 9.25 11.52 -24.26
CA ALA A 35 8.69 10.16 -24.19
C ALA A 35 9.64 9.17 -23.55
N ARG A 36 10.96 9.30 -23.88
CA ARG A 36 11.95 8.52 -23.23
C ARG A 36 12.06 8.78 -21.70
N TYR A 37 12.05 10.08 -21.33
CA TYR A 37 12.02 10.49 -19.94
C TYR A 37 10.86 9.78 -19.21
N LEU A 38 9.71 9.75 -19.84
CA LEU A 38 8.45 9.18 -19.18
C LEU A 38 8.51 7.69 -19.15
N ARG A 39 9.13 7.09 -20.17
CA ARG A 39 9.32 5.67 -20.17
C ARG A 39 10.20 5.26 -19.02
N ILE A 40 11.31 6.01 -18.87
CA ILE A 40 12.27 5.73 -17.79
C ILE A 40 11.61 5.94 -16.40
N MET A 41 10.89 7.00 -16.29
CA MET A 41 10.18 7.31 -15.04
C MET A 41 9.18 6.15 -14.69
N MET A 42 8.44 5.76 -15.66
CA MET A 42 7.48 4.68 -15.42
C MET A 42 8.16 3.43 -14.98
N ASP A 43 9.19 2.99 -15.76
CA ASP A 43 9.96 1.81 -15.34
C ASP A 43 10.57 1.92 -13.95
N THR A 44 11.14 3.09 -13.65
CA THR A 44 11.81 3.28 -12.39
C THR A 44 10.90 3.28 -11.21
N THR A 45 9.67 3.78 -11.40
CA THR A 45 8.73 3.86 -10.32
C THR A 45 7.78 2.71 -10.18
N CYS A 46 7.50 2.00 -11.27
CA CYS A 46 6.45 0.95 -11.27
C CYS A 46 7.03 -0.42 -11.18
N LEU A 47 8.27 -0.56 -11.65
CA LEU A 47 8.93 -1.88 -11.64
C LEU A 47 9.92 -2.11 -10.55
N GLY A 48 10.09 -3.39 -10.22
CA GLY A 48 11.19 -3.94 -9.38
C GLY A 48 10.68 -4.37 -8.01
N GLY A 49 9.43 -4.12 -7.69
CA GLY A 49 8.76 -4.78 -6.57
C GLY A 49 8.32 -6.22 -6.83
N LYS A 50 7.50 -6.73 -5.92
CA LYS A 50 7.02 -8.13 -6.03
C LYS A 50 5.68 -8.19 -6.80
N TYR A 51 5.03 -7.05 -6.97
CA TYR A 51 3.77 -6.99 -7.71
C TYR A 51 2.70 -7.70 -6.97
N PHE A 52 2.83 -7.71 -5.67
CA PHE A 52 1.79 -8.34 -4.88
C PHE A 52 0.37 -7.79 -5.18
N ARG A 53 0.20 -6.49 -5.23
CA ARG A 53 -1.07 -5.89 -5.35
C ARG A 53 -1.66 -6.30 -6.74
N GLY A 54 -0.96 -6.02 -7.76
CA GLY A 54 -1.49 -6.23 -9.11
C GLY A 54 -1.65 -7.73 -9.35
N MET A 55 -0.73 -8.56 -8.92
CA MET A 55 -0.87 -9.99 -9.11
C MET A 55 -2.06 -10.56 -8.32
N THR A 56 -2.46 -9.92 -7.22
CA THR A 56 -3.67 -10.38 -6.51
C THR A 56 -4.94 -10.27 -7.38
N VAL A 57 -5.02 -9.22 -8.18
CA VAL A 57 -6.16 -9.10 -9.11
C VAL A 57 -6.22 -10.32 -10.11
N VAL A 58 -5.05 -10.65 -10.63
CA VAL A 58 -4.87 -11.79 -11.56
C VAL A 58 -5.19 -13.08 -10.82
N ASN A 59 -4.72 -13.25 -9.57
CA ASN A 59 -4.96 -14.54 -8.86
C ASN A 59 -6.44 -14.70 -8.56
N VAL A 60 -7.08 -13.63 -8.16
CA VAL A 60 -8.53 -13.72 -7.86
C VAL A 60 -9.24 -14.14 -9.17
N ALA A 61 -8.91 -13.44 -10.24
CA ALA A 61 -9.55 -13.77 -11.53
C ALA A 61 -9.31 -15.24 -12.00
N GLU A 62 -8.08 -15.71 -11.87
CA GLU A 62 -7.72 -17.13 -12.15
C GLU A 62 -8.57 -18.02 -11.36
N GLY A 63 -8.76 -17.72 -10.06
CA GLY A 63 -9.63 -18.56 -9.18
C GLY A 63 -10.98 -18.74 -9.76
N PHE A 64 -11.62 -17.66 -10.15
CA PHE A 64 -12.96 -17.69 -10.75
C PHE A 64 -12.97 -18.38 -12.07
N LEU A 65 -11.89 -18.31 -12.83
CA LEU A 65 -11.88 -18.96 -14.15
C LEU A 65 -11.96 -20.42 -14.00
N ALA A 66 -11.37 -20.97 -12.94
CA ALA A 66 -11.29 -22.40 -12.77
C ALA A 66 -12.65 -22.99 -12.44
N VAL A 67 -13.63 -22.20 -12.09
CA VAL A 67 -14.99 -22.72 -11.70
C VAL A 67 -16.15 -22.13 -12.50
N THR A 68 -15.86 -21.39 -13.58
CA THR A 68 -16.88 -20.71 -14.31
C THR A 68 -16.67 -21.11 -15.76
N GLN A 69 -17.74 -21.36 -16.49
CA GLN A 69 -17.68 -21.76 -17.88
C GLN A 69 -17.56 -20.52 -18.76
N HIS A 70 -16.59 -20.58 -19.65
CA HIS A 70 -16.31 -19.47 -20.53
C HIS A 70 -15.61 -19.99 -21.80
N ASP A 71 -15.78 -19.29 -22.89
CA ASP A 71 -15.00 -19.51 -24.15
C ASP A 71 -13.57 -19.19 -23.81
N GLU A 72 -12.62 -19.78 -24.51
CA GLU A 72 -11.22 -19.43 -24.38
C GLU A 72 -10.96 -17.90 -24.57
N ALA A 73 -11.59 -17.28 -25.58
CA ALA A 73 -11.41 -15.86 -25.83
C ALA A 73 -11.83 -15.06 -24.62
N THR A 74 -12.88 -15.55 -23.97
CA THR A 74 -13.39 -14.83 -22.76
C THR A 74 -12.39 -14.99 -21.62
N LYS A 75 -11.84 -16.18 -21.45
CA LYS A 75 -10.77 -16.38 -20.42
C LYS A 75 -9.67 -15.37 -20.72
N GLU A 76 -9.23 -15.30 -21.94
CA GLU A 76 -8.17 -14.36 -22.27
C GLU A 76 -8.49 -12.92 -22.00
N ARG A 77 -9.71 -12.53 -22.34
CA ARG A 77 -10.14 -11.17 -22.08
C ARG A 77 -10.14 -10.81 -20.56
N ILE A 78 -10.62 -11.74 -19.76
CA ILE A 78 -10.72 -11.57 -18.29
C ILE A 78 -9.32 -11.49 -17.77
N LEU A 79 -8.44 -12.34 -18.23
CA LEU A 79 -7.05 -12.28 -17.64
C LEU A 79 -6.38 -11.01 -18.11
N HIS A 80 -6.67 -10.55 -19.32
CA HIS A 80 -6.08 -9.30 -19.76
C HIS A 80 -6.61 -8.11 -18.98
N ASP A 81 -7.93 -8.14 -18.71
CA ASP A 81 -8.52 -7.10 -17.83
C ASP A 81 -7.93 -7.16 -16.42
N ALA A 82 -7.71 -8.35 -15.90
CA ALA A 82 -7.14 -8.49 -14.56
C ALA A 82 -5.72 -7.89 -14.52
N CYS A 83 -4.98 -8.13 -15.58
CA CYS A 83 -3.61 -7.54 -15.64
C CYS A 83 -3.65 -6.03 -15.75
N VAL A 84 -4.49 -5.46 -16.62
CA VAL A 84 -4.66 -4.08 -16.72
C VAL A 84 -5.05 -3.48 -15.37
N GLY A 85 -6.05 -4.06 -14.79
CA GLY A 85 -6.54 -3.62 -13.45
C GLY A 85 -5.41 -3.71 -12.42
N GLY A 86 -4.65 -4.77 -12.41
CA GLY A 86 -3.49 -4.93 -11.49
C GLY A 86 -2.52 -3.75 -11.72
N TRP A 87 -2.18 -3.45 -12.99
CA TRP A 87 -1.30 -2.30 -13.25
C TRP A 87 -1.86 -1.00 -12.81
N MET A 88 -3.17 -0.79 -12.89
CA MET A 88 -3.72 0.47 -12.34
C MET A 88 -3.33 0.51 -10.87
N ILE A 89 -3.43 -0.59 -10.15
CA ILE A 89 -3.13 -0.53 -8.71
C ILE A 89 -1.62 -0.27 -8.48
N GLU A 90 -0.79 -0.93 -9.29
CA GLU A 90 0.68 -0.76 -9.17
C GLU A 90 1.05 0.68 -9.47
N PHE A 91 0.44 1.28 -10.52
CA PHE A 91 0.73 2.68 -10.85
C PHE A 91 0.16 3.63 -9.76
N LEU A 92 -0.94 3.27 -9.16
CA LEU A 92 -1.53 4.12 -8.06
C LEU A 92 -0.52 4.06 -6.89
N GLN A 93 0.02 2.89 -6.61
CA GLN A 93 1.05 2.73 -5.56
C GLN A 93 2.26 3.61 -5.93
N ALA A 94 2.70 3.47 -7.15
CA ALA A 94 3.86 4.27 -7.67
C ALA A 94 3.69 5.78 -7.46
N HIS A 95 2.49 6.30 -7.76
CA HIS A 95 2.10 7.71 -7.50
C HIS A 95 2.38 7.99 -5.97
N TYR A 96 1.76 7.19 -5.11
CA TYR A 96 1.93 7.46 -3.66
C TYR A 96 3.31 7.30 -3.15
N LEU A 97 4.11 6.38 -3.69
CA LEU A 97 5.53 6.26 -3.23
C LEU A 97 6.32 7.42 -3.69
N VAL A 98 6.18 7.85 -4.94
CA VAL A 98 6.88 9.05 -5.43
C VAL A 98 6.56 10.25 -4.52
N GLU A 99 5.28 10.52 -4.25
CA GLU A 99 4.88 11.72 -3.54
C GLU A 99 5.30 11.59 -2.06
N ASP A 100 5.10 10.43 -1.48
CA ASP A 100 5.41 10.20 -0.07
C ASP A 100 6.90 10.31 0.19
N ASP A 101 7.72 9.84 -0.76
CA ASP A 101 9.17 9.96 -0.60
C ASP A 101 9.56 11.41 -0.67
N ILE A 102 8.91 12.25 -1.50
CA ILE A 102 9.19 13.69 -1.48
C ILE A 102 8.72 14.32 -0.19
N MET A 103 7.48 14.00 0.22
CA MET A 103 6.92 14.53 1.45
C MET A 103 7.80 14.28 2.68
N ASP A 104 8.35 13.07 2.75
CA ASP A 104 9.05 12.58 3.93
C ASP A 104 10.54 12.83 3.86
N GLY A 105 11.02 13.41 2.78
CA GLY A 105 12.41 13.58 2.56
C GLY A 105 13.18 12.29 2.60
N SER A 106 12.61 11.21 2.02
CA SER A 106 13.23 9.95 2.01
C SER A 106 14.40 9.83 1.09
N VAL A 107 15.30 8.89 1.39
CA VAL A 107 16.58 8.79 0.70
C VAL A 107 16.59 7.67 -0.35
N MET A 108 16.18 6.49 0.12
CA MET A 108 16.19 5.33 -0.61
C MET A 108 14.85 4.70 -0.47
N ARG A 109 14.64 3.82 -1.42
CA ARG A 109 13.48 2.96 -1.36
C ARG A 109 13.90 1.71 -2.13
N ARG A 110 13.80 0.50 -1.55
CA ARG A 110 14.20 -0.75 -2.26
C ARG A 110 15.71 -0.71 -2.64
N GLY A 111 16.54 -0.12 -1.82
CA GLY A 111 17.98 -0.10 -2.13
C GLY A 111 18.36 0.79 -3.31
N LYS A 112 17.45 1.65 -3.80
CA LYS A 112 17.77 2.61 -4.83
C LYS A 112 17.29 4.02 -4.39
N PRO A 113 17.82 5.02 -5.01
CA PRO A 113 17.47 6.34 -4.57
C PRO A 113 16.01 6.57 -4.90
N CYS A 114 15.37 7.31 -4.04
CA CYS A 114 14.03 7.83 -4.37
C CYS A 114 14.04 8.63 -5.68
N TRP A 115 12.93 8.57 -6.45
CA TRP A 115 12.87 9.13 -7.78
C TRP A 115 13.28 10.59 -7.79
N TYR A 116 12.80 11.33 -6.85
CA TYR A 116 13.03 12.74 -6.83
C TYR A 116 14.52 13.04 -6.67
N ARG A 117 15.27 12.11 -6.13
CA ARG A 117 16.74 12.29 -5.93
C ARG A 117 17.57 11.96 -7.09
N PHE A 118 16.99 11.41 -8.16
CA PHE A 118 17.81 11.16 -9.33
C PHE A 118 18.29 12.53 -9.89
N PRO A 119 19.49 12.57 -10.42
CA PRO A 119 20.02 13.91 -10.71
C PRO A 119 19.30 14.73 -11.77
N GLY A 120 18.73 14.04 -12.76
CA GLY A 120 17.99 14.71 -13.84
C GLY A 120 16.50 14.81 -13.60
N VAL A 121 16.05 14.54 -12.37
CA VAL A 121 14.65 14.57 -12.00
C VAL A 121 14.37 15.85 -11.25
N THR A 122 14.79 15.86 -10.02
CA THR A 122 14.54 16.90 -9.05
C THR A 122 13.06 16.93 -8.56
N THR A 123 12.87 17.58 -7.41
CA THR A 123 11.50 17.61 -6.83
C THR A 123 10.58 18.30 -7.82
N GLN A 124 11.00 19.37 -8.43
CA GLN A 124 10.13 20.11 -9.36
C GLN A 124 9.52 19.19 -10.34
N CYS A 125 10.28 18.34 -10.96
CA CYS A 125 9.67 17.38 -11.90
C CYS A 125 9.00 16.23 -11.25
N ALA A 126 9.58 15.69 -10.15
CA ALA A 126 9.05 14.48 -9.54
C ALA A 126 7.63 14.62 -9.02
N ILE A 127 7.26 15.77 -8.48
CA ILE A 127 5.90 15.98 -7.94
C ILE A 127 4.98 15.77 -9.16
N ASN A 128 5.35 16.35 -10.31
CA ASN A 128 4.42 16.28 -11.46
C ASN A 128 4.51 14.86 -12.06
N ASP A 129 5.67 14.21 -12.07
CA ASP A 129 5.77 12.80 -12.51
C ASP A 129 4.81 11.89 -11.72
N GLY A 130 4.75 12.16 -10.42
CA GLY A 130 3.83 11.41 -9.63
C GLY A 130 2.37 11.66 -9.95
N ILE A 131 2.05 12.90 -10.27
CA ILE A 131 0.71 13.23 -10.81
C ILE A 131 0.38 12.43 -12.07
N ILE A 132 1.37 12.35 -12.94
CA ILE A 132 1.17 11.64 -14.19
C ILE A 132 0.92 10.17 -13.95
N LEU A 133 1.68 9.53 -13.06
CA LEU A 133 1.52 8.17 -12.69
C LEU A 133 0.08 7.86 -12.37
N LYS A 134 -0.51 8.70 -11.54
CA LYS A 134 -1.92 8.44 -11.18
C LYS A 134 -2.84 8.72 -12.40
N SER A 135 -2.58 9.78 -13.12
CA SER A 135 -3.39 10.06 -14.35
C SER A 135 -3.36 8.87 -15.32
N TRP A 136 -2.22 8.22 -15.48
CA TRP A 136 -2.11 7.04 -16.32
C TRP A 136 -3.08 5.91 -15.89
N THR A 137 -3.36 5.76 -14.59
CA THR A 137 -4.32 4.76 -14.17
C THR A 137 -5.69 5.04 -14.84
N GLN A 138 -6.09 6.27 -15.02
CA GLN A 138 -7.34 6.58 -15.61
C GLN A 138 -7.29 6.38 -17.09
N ILE A 139 -6.15 6.77 -17.67
CA ILE A 139 -6.06 6.59 -19.12
C ILE A 139 -6.16 5.12 -19.42
N MET A 140 -5.48 4.22 -18.69
CA MET A 140 -5.56 2.80 -18.91
C MET A 140 -7.01 2.38 -18.85
N ALA A 141 -7.65 2.74 -17.78
CA ALA A 141 -9.04 2.28 -17.55
C ALA A 141 -9.99 2.65 -18.71
N TRP A 142 -9.96 3.88 -19.08
CA TRP A 142 -10.88 4.40 -20.14
C TRP A 142 -10.57 3.74 -21.49
N HIS A 143 -9.29 3.50 -21.78
CA HIS A 143 -8.92 2.81 -23.00
C HIS A 143 -9.34 1.35 -22.95
N TYR A 144 -8.92 0.57 -21.97
CA TYR A 144 -9.04 -0.90 -22.02
C TYR A 144 -10.42 -1.34 -21.56
N PHE A 145 -11.05 -0.51 -20.73
CA PHE A 145 -12.38 -0.91 -20.20
C PHE A 145 -13.58 -0.09 -20.69
N ALA A 146 -13.39 0.72 -21.74
CA ALA A 146 -14.42 1.64 -22.29
C ALA A 146 -15.83 0.97 -22.44
N ASP A 147 -15.87 -0.23 -22.97
CA ASP A 147 -17.19 -0.86 -23.14
C ASP A 147 -17.55 -1.92 -22.08
N ARG A 148 -16.78 -2.04 -20.99
CA ARG A 148 -16.97 -3.16 -20.09
C ARG A 148 -18.09 -2.82 -19.10
N PRO A 149 -18.90 -3.79 -18.73
CA PRO A 149 -20.01 -3.52 -17.81
C PRO A 149 -19.60 -3.12 -16.43
N PHE A 150 -18.36 -3.37 -16.05
CA PHE A 150 -17.83 -3.11 -14.71
C PHE A 150 -17.11 -1.76 -14.66
N LEU A 151 -17.06 -1.05 -15.76
CA LEU A 151 -16.33 0.22 -15.82
C LEU A 151 -16.74 1.21 -14.77
N LYS A 152 -18.04 1.45 -14.66
CA LYS A 152 -18.55 2.38 -13.65
C LYS A 152 -18.15 1.98 -12.23
N ASP A 153 -18.42 0.72 -11.89
CA ASP A 153 -18.12 0.20 -10.57
C ASP A 153 -16.61 0.27 -10.27
N LEU A 154 -15.82 -0.11 -11.25
CA LEU A 154 -14.34 -0.07 -11.12
C LEU A 154 -13.86 1.33 -10.91
N LEU A 155 -14.24 2.28 -11.73
CA LEU A 155 -13.79 3.68 -11.57
C LEU A 155 -14.28 4.22 -10.23
N CYS A 156 -15.53 3.93 -9.79
CA CYS A 156 -16.05 4.48 -8.49
C CYS A 156 -15.25 3.87 -7.29
N LEU A 157 -14.99 2.59 -7.31
CA LEU A 157 -14.16 1.91 -6.30
C LEU A 157 -12.72 2.54 -6.24
N PHE A 158 -12.13 2.70 -7.43
CA PHE A 158 -10.78 3.16 -7.53
C PHE A 158 -10.66 4.53 -6.92
N GLN A 159 -11.64 5.35 -7.26
N GLN A 159 -11.64 5.42 -7.17
CA GLN A 159 -11.84 6.73 -6.86
CA GLN A 159 -11.57 6.81 -6.66
C GLN A 159 -11.86 6.84 -5.31
C GLN A 159 -11.66 6.76 -5.13
N LYS A 160 -12.62 5.95 -4.70
CA LYS A 160 -12.79 5.89 -3.23
C LYS A 160 -11.51 5.45 -2.56
N VAL A 161 -10.86 4.41 -3.09
CA VAL A 161 -9.66 3.87 -2.54
C VAL A 161 -8.55 4.91 -2.60
N ASP A 162 -8.45 5.60 -3.74
CA ASP A 162 -7.49 6.71 -3.88
C ASP A 162 -7.74 7.77 -2.78
N TYR A 163 -8.96 8.18 -2.61
CA TYR A 163 -9.30 9.19 -1.66
C TYR A 163 -9.02 8.68 -0.21
N ALA A 164 -9.39 7.42 0.10
CA ALA A 164 -9.12 6.84 1.46
C ALA A 164 -7.61 6.94 1.72
N THR A 165 -6.85 6.62 0.71
CA THR A 165 -5.41 6.61 0.76
C THR A 165 -4.84 7.97 1.10
N ALA A 166 -5.32 9.01 0.43
CA ALA A 166 -4.89 10.38 0.68
C ALA A 166 -5.31 10.79 2.10
N VAL A 167 -6.49 10.41 2.50
CA VAL A 167 -6.92 10.72 3.90
C VAL A 167 -6.01 9.96 4.90
N GLY A 168 -5.69 8.75 4.62
CA GLY A 168 -4.73 8.00 5.44
C GLY A 168 -3.34 8.66 5.53
N GLN A 169 -2.86 9.20 4.41
CA GLN A 169 -1.62 9.94 4.40
C GLN A 169 -1.66 11.17 5.32
N MET A 170 -2.81 11.85 5.34
CA MET A 170 -3.03 13.02 6.25
C MET A 170 -3.01 12.53 7.70
N TYR A 171 -3.68 11.37 7.96
CA TYR A 171 -3.66 10.83 9.35
C TYR A 171 -2.25 10.49 9.78
N ASP A 172 -1.44 9.96 8.88
CA ASP A 172 -0.04 9.57 9.15
C ASP A 172 0.90 10.77 9.34
N VAL A 173 0.78 11.77 8.53
CA VAL A 173 1.72 12.89 8.60
C VAL A 173 1.38 13.75 9.81
N THR A 174 0.16 13.63 10.34
CA THR A 174 -0.28 14.44 11.46
C THR A 174 -0.33 13.62 12.78
N SER A 175 0.23 12.44 12.76
CA SER A 175 0.10 11.49 13.86
C SER A 175 0.90 11.80 15.11
N MET A 176 1.92 12.63 14.93
CA MET A 176 2.71 13.09 16.03
C MET A 176 2.34 14.43 16.55
N CYS A 177 1.25 15.03 16.05
CA CYS A 177 0.74 16.32 16.47
C CYS A 177 -0.41 16.09 17.45
N ASP A 178 -0.72 17.08 18.28
CA ASP A 178 -1.89 16.97 19.12
C ASP A 178 -2.99 17.48 18.30
N SER A 179 -4.09 16.75 18.21
CA SER A 179 -5.22 17.16 17.35
C SER A 179 -5.76 18.51 17.62
N ASN A 180 -5.84 18.87 18.90
CA ASN A 180 -6.51 20.08 19.23
C ASN A 180 -5.63 21.26 18.85
N LYS A 181 -4.36 21.01 18.58
CA LYS A 181 -3.45 22.08 18.10
C LYS A 181 -3.32 22.20 16.59
N LEU A 182 -3.99 21.37 15.78
CA LEU A 182 -3.85 21.52 14.33
C LEU A 182 -4.36 22.82 13.94
N ASP A 183 -3.59 23.50 13.08
CA ASP A 183 -3.90 24.81 12.69
C ASP A 183 -2.95 25.28 11.60
N PRO A 184 -3.48 25.48 10.38
CA PRO A 184 -2.63 25.98 9.32
C PRO A 184 -1.82 27.21 9.63
N GLU A 185 -2.33 28.06 10.50
CA GLU A 185 -1.60 29.30 10.83
C GLU A 185 -0.42 29.12 11.77
N VAL A 186 -0.28 28.03 12.47
CA VAL A 186 0.68 27.92 13.61
C VAL A 186 1.55 26.69 13.41
N ALA A 187 2.89 26.84 13.45
CA ALA A 187 3.80 25.71 13.26
C ALA A 187 3.54 24.65 14.31
N GLN A 188 3.51 23.39 13.86
CA GLN A 188 2.99 22.32 14.71
C GLN A 188 4.03 21.68 15.61
N PRO A 189 3.84 21.76 16.96
CA PRO A 189 4.78 21.08 17.82
C PRO A 189 4.50 19.58 17.84
N MET A 190 5.54 18.84 18.06
CA MET A 190 5.39 17.37 18.34
C MET A 190 4.59 17.26 19.66
N THR A 191 3.75 16.22 19.76
CA THR A 191 3.09 15.91 21.03
C THR A 191 4.09 15.75 22.12
N THR A 192 3.71 16.20 23.32
CA THR A 192 4.58 15.90 24.47
C THR A 192 3.97 14.85 25.33
N ASP A 193 2.64 14.73 25.30
CA ASP A 193 1.95 13.65 26.14
C ASP A 193 1.78 12.30 25.45
N PHE A 194 1.88 12.24 24.12
CA PHE A 194 1.62 10.97 23.38
C PHE A 194 0.26 10.35 23.67
N ALA A 195 -0.70 11.17 24.03
CA ALA A 195 -2.08 10.68 24.37
C ALA A 195 -2.79 10.12 23.20
N GLU A 196 -2.35 10.54 22.00
CA GLU A 196 -2.96 10.01 20.82
C GLU A 196 -2.22 8.79 20.25
N PHE A 197 -1.22 8.24 20.93
CA PHE A 197 -0.60 7.01 20.54
C PHE A 197 -1.37 5.81 21.15
N THR A 198 -2.56 5.53 20.61
CA THR A 198 -3.41 4.49 21.07
C THR A 198 -3.59 3.42 19.97
N PRO A 199 -4.05 2.21 20.35
CA PRO A 199 -4.36 1.22 19.38
C PRO A 199 -5.42 1.72 18.38
N ALA A 200 -6.49 2.36 18.82
CA ALA A 200 -7.56 2.76 17.95
C ALA A 200 -7.08 3.83 16.98
N ILE A 201 -6.16 4.68 17.44
CA ILE A 201 -5.71 5.79 16.59
C ILE A 201 -4.72 5.27 15.56
N TYR A 202 -3.80 4.37 16.01
CA TYR A 202 -2.98 3.63 15.13
C TYR A 202 -3.73 2.92 14.06
N LYS A 203 -4.73 2.18 14.48
CA LYS A 203 -5.54 1.36 13.54
C LYS A 203 -6.16 2.27 12.50
N ARG A 204 -6.60 3.45 12.88
CA ARG A 204 -7.21 4.35 11.90
C ARG A 204 -6.18 4.78 10.85
N ILE A 205 -5.00 5.19 11.31
CA ILE A 205 -3.93 5.54 10.38
C ILE A 205 -3.71 4.45 9.37
N VAL A 206 -3.49 3.24 9.84
CA VAL A 206 -3.11 2.14 8.94
C VAL A 206 -4.27 1.72 8.01
N LYS A 207 -5.49 1.73 8.56
CA LYS A 207 -6.68 1.31 7.79
C LYS A 207 -6.78 2.12 6.50
N TYR A 208 -6.61 3.41 6.63
CA TYR A 208 -6.77 4.35 5.48
C TYR A 208 -5.48 4.45 4.66
N LYS A 209 -4.31 4.52 5.28
CA LYS A 209 -3.12 4.81 4.52
C LYS A 209 -2.62 3.63 3.62
N THR A 210 -2.94 2.36 4.01
CA THR A 210 -2.39 1.16 3.43
C THR A 210 -3.47 0.14 3.02
N THR A 211 -4.45 -0.11 3.88
CA THR A 211 -5.23 -1.37 3.70
C THR A 211 -6.17 -1.25 2.48
N PHE A 212 -6.71 -0.07 2.22
CA PHE A 212 -7.65 0.10 1.11
C PHE A 212 -6.92 -0.16 -0.21
N TYR A 213 -5.75 0.45 -0.46
CA TYR A 213 -5.08 0.23 -1.75
C TYR A 213 -4.32 -1.12 -1.83
N THR A 214 -3.85 -1.67 -0.72
CA THR A 214 -3.05 -2.81 -0.69
C THR A 214 -3.80 -4.14 -0.69
N TYR A 215 -4.91 -4.12 -0.01
CA TYR A 215 -5.71 -5.31 0.12
C TYR A 215 -7.11 -5.18 -0.37
N LEU A 216 -7.88 -4.17 -0.02
CA LEU A 216 -9.21 -4.11 -0.48
C LEU A 216 -9.31 -4.01 -2.00
N LEU A 217 -8.57 -3.12 -2.57
CA LEU A 217 -8.67 -2.82 -4.00
C LEU A 217 -8.23 -3.99 -4.88
N PRO A 218 -7.13 -4.67 -4.59
CA PRO A 218 -6.82 -5.84 -5.41
C PRO A 218 -7.86 -6.95 -5.34
N LEU A 219 -8.41 -7.15 -4.15
CA LEU A 219 -9.43 -8.20 -3.99
C LEU A 219 -10.71 -7.86 -4.77
N VAL A 220 -11.21 -6.67 -4.58
CA VAL A 220 -12.40 -6.22 -5.22
C VAL A 220 -12.26 -5.97 -6.72
N MET A 221 -11.13 -5.47 -7.18
CA MET A 221 -10.86 -5.46 -8.62
C MET A 221 -10.89 -6.83 -9.24
N GLY A 222 -10.34 -7.83 -8.61
CA GLY A 222 -10.44 -9.22 -9.10
C GLY A 222 -11.89 -9.61 -9.25
N LEU A 223 -12.68 -9.27 -8.28
CA LEU A 223 -14.12 -9.62 -8.33
C LEU A 223 -14.79 -8.86 -9.48
N LEU A 224 -14.47 -7.56 -9.66
CA LEU A 224 -15.15 -6.78 -10.68
C LEU A 224 -14.79 -7.25 -12.09
N VAL A 225 -13.51 -7.54 -12.37
CA VAL A 225 -13.15 -8.00 -13.73
C VAL A 225 -13.67 -9.40 -14.03
N SER A 226 -14.03 -10.13 -12.99
CA SER A 226 -14.62 -11.44 -13.07
C SER A 226 -16.12 -11.39 -13.08
N GLU A 227 -16.72 -10.24 -12.93
CA GLU A 227 -18.17 -10.14 -12.80
C GLU A 227 -18.71 -11.04 -11.71
N ALA A 228 -18.04 -11.01 -10.57
CA ALA A 228 -18.25 -11.99 -9.49
C ALA A 228 -18.55 -11.29 -8.15
N ALA A 229 -18.91 -10.04 -8.20
CA ALA A 229 -19.13 -9.34 -6.92
C ALA A 229 -20.29 -10.02 -6.17
N ALA A 230 -21.21 -10.71 -6.85
CA ALA A 230 -22.31 -11.44 -6.11
C ALA A 230 -21.92 -12.76 -5.43
N SER A 231 -20.71 -13.24 -5.65
CA SER A 231 -20.17 -14.35 -4.92
C SER A 231 -19.64 -14.01 -3.56
N VAL A 232 -19.81 -12.76 -3.11
CA VAL A 232 -19.24 -12.36 -1.84
C VAL A 232 -20.15 -11.42 -1.15
N GLU A 233 -20.02 -11.44 0.16
CA GLU A 233 -20.62 -10.46 1.05
C GLU A 233 -19.57 -9.31 1.21
N MET A 234 -19.81 -8.17 0.62
CA MET A 234 -18.81 -7.14 0.55
C MET A 234 -18.38 -6.68 1.94
N ASN A 235 -19.28 -6.69 2.96
CA ASN A 235 -18.77 -6.35 4.34
C ASN A 235 -17.66 -7.28 4.86
N LEU A 236 -17.71 -8.58 4.49
CA LEU A 236 -16.71 -9.50 4.90
C LEU A 236 -15.43 -9.26 4.17
N VAL A 237 -15.52 -8.90 2.88
CA VAL A 237 -14.30 -8.62 2.13
C VAL A 237 -13.58 -7.42 2.72
N GLU A 238 -14.33 -6.43 3.06
CA GLU A 238 -13.78 -5.25 3.73
C GLU A 238 -13.15 -5.52 5.07
N ARG A 239 -13.83 -6.27 5.91
CA ARG A 239 -13.33 -6.63 7.22
C ARG A 239 -12.02 -7.41 7.11
N VAL A 240 -11.95 -8.39 6.20
CA VAL A 240 -10.77 -9.18 6.07
C VAL A 240 -9.60 -8.39 5.50
N ALA A 241 -9.92 -7.55 4.53
CA ALA A 241 -8.89 -6.67 3.93
C ALA A 241 -8.29 -5.83 5.04
N HIS A 242 -9.14 -5.26 5.89
CA HIS A 242 -8.62 -4.27 6.87
C HIS A 242 -7.78 -4.99 7.91
N LEU A 243 -8.18 -6.20 8.24
CA LEU A 243 -7.44 -6.99 9.21
C LEU A 243 -6.07 -7.45 8.72
N ILE A 244 -6.04 -8.06 7.56
CA ILE A 244 -4.83 -8.41 6.96
C ILE A 244 -3.88 -7.24 6.67
N GLY A 245 -4.49 -6.15 6.23
CA GLY A 245 -3.73 -4.94 5.95
C GLY A 245 -3.09 -4.38 7.22
N GLU A 246 -3.82 -4.41 8.32
CA GLU A 246 -3.26 -3.94 9.58
C GLU A 246 -2.03 -4.75 10.00
N TYR A 247 -2.17 -6.08 9.91
CA TYR A 247 -1.08 -7.00 10.21
C TYR A 247 0.19 -6.70 9.37
N PHE A 248 -0.01 -6.56 8.07
CA PHE A 248 1.05 -6.16 7.12
C PHE A 248 1.82 -4.92 7.64
N GLN A 249 1.08 -3.90 8.07
CA GLN A 249 1.72 -2.65 8.51
C GLN A 249 2.43 -2.83 9.83
N VAL A 250 1.90 -3.62 10.73
CA VAL A 250 2.55 -3.92 11.99
C VAL A 250 3.91 -4.57 11.73
N GLN A 251 3.98 -5.56 10.85
CA GLN A 251 5.27 -6.10 10.40
C GLN A 251 6.19 -4.99 9.81
N ASP A 252 5.73 -4.16 8.86
CA ASP A 252 6.53 -3.04 8.30
C ASP A 252 7.06 -2.17 9.48
N ASP A 253 6.18 -1.83 10.44
CA ASP A 253 6.60 -1.01 11.59
C ASP A 253 7.72 -1.66 12.39
N VAL A 254 7.57 -2.93 12.65
CA VAL A 254 8.61 -3.62 13.41
C VAL A 254 9.95 -3.66 12.65
N MET A 255 9.88 -3.92 11.35
CA MET A 255 11.07 -4.01 10.50
C MET A 255 11.80 -2.68 10.30
N ASP A 256 11.06 -1.58 10.31
CA ASP A 256 11.66 -0.24 10.19
C ASP A 256 12.69 0.00 11.29
N CYS A 257 12.37 -0.55 12.44
CA CYS A 257 13.24 -0.43 13.61
C CYS A 257 14.27 -1.53 13.68
N PHE A 258 13.90 -2.79 13.45
CA PHE A 258 14.84 -3.88 13.79
C PHE A 258 15.48 -4.61 12.60
N THR A 259 15.06 -4.35 11.36
CA THR A 259 15.65 -5.04 10.20
C THR A 259 16.88 -4.24 9.72
N PRO A 260 18.05 -4.92 9.56
CA PRO A 260 19.23 -4.30 8.94
C PRO A 260 18.87 -3.45 7.73
N PRO A 261 19.36 -2.17 7.67
CA PRO A 261 19.01 -1.36 6.49
C PRO A 261 19.26 -2.00 5.09
N GLU A 262 20.36 -2.75 4.91
CA GLU A 262 20.65 -3.37 3.58
C GLU A 262 19.52 -4.38 3.17
N GLN A 263 18.99 -5.11 4.15
CA GLN A 263 17.83 -5.98 3.95
C GLN A 263 16.51 -5.22 3.85
N LEU A 264 16.32 -4.22 4.70
CA LEU A 264 15.15 -3.31 4.66
C LEU A 264 15.00 -2.55 3.30
N GLY A 265 16.11 -2.18 2.65
CA GLY A 265 16.08 -1.43 1.37
C GLY A 265 16.14 0.10 1.60
N LYS A 266 16.49 0.48 2.85
CA LYS A 266 16.06 1.72 3.53
C LYS A 266 16.85 1.84 4.92
N VAL A 267 17.36 3.04 5.26
CA VAL A 267 17.62 3.37 6.70
C VAL A 267 16.24 3.75 7.29
N GLY A 268 15.80 2.97 8.30
CA GLY A 268 14.56 3.24 9.02
C GLY A 268 14.63 4.49 9.90
N THR A 269 13.69 5.42 9.71
CA THR A 269 13.65 6.66 10.53
C THR A 269 12.31 6.91 11.34
N ASP A 270 11.49 5.88 11.57
CA ASP A 270 10.18 6.07 12.30
C ASP A 270 10.37 6.71 13.65
N ILE A 271 11.43 6.30 14.35
CA ILE A 271 11.71 6.91 15.67
C ILE A 271 12.03 8.39 15.59
N GLU A 272 12.92 8.75 14.68
CA GLU A 272 13.27 10.18 14.48
C GLU A 272 12.15 11.02 13.98
N ASP A 273 11.33 10.38 13.11
CA ASP A 273 10.15 11.02 12.56
C ASP A 273 8.99 11.06 13.52
N ALA A 274 9.14 10.43 14.72
CA ALA A 274 8.11 10.43 15.77
C ALA A 274 6.82 9.78 15.27
N LYS A 275 6.99 8.76 14.47
CA LYS A 275 5.79 8.12 13.87
C LYS A 275 4.98 7.33 14.93
N CYS A 276 3.65 7.32 14.72
CA CYS A 276 2.81 6.55 15.53
C CYS A 276 2.93 5.09 15.02
N SER A 277 3.97 4.38 15.41
CA SER A 277 4.26 3.04 15.00
C SER A 277 3.64 2.04 15.97
N TRP A 278 3.55 0.77 15.55
CA TRP A 278 3.00 -0.22 16.41
C TRP A 278 3.88 -0.37 17.67
N LEU A 279 5.18 -0.25 17.46
CA LEU A 279 6.21 -0.35 18.58
C LEU A 279 6.00 0.74 19.60
N ALA A 280 5.80 1.98 19.17
CA ALA A 280 5.54 3.08 20.08
C ALA A 280 4.26 2.88 20.89
N VAL A 281 3.17 2.60 20.20
CA VAL A 281 1.90 2.38 20.82
C VAL A 281 1.98 1.18 21.82
N THR A 282 2.55 0.08 21.40
CA THR A 282 2.55 -1.14 22.22
C THR A 282 3.47 -0.93 23.43
N PHE A 283 4.59 -0.23 23.19
CA PHE A 283 5.47 0.15 24.29
C PHE A 283 4.75 1.03 25.34
N LEU A 284 4.09 2.06 24.87
CA LEU A 284 3.32 2.91 25.78
C LEU A 284 2.19 2.16 26.51
N GLY A 285 1.65 1.11 25.89
CA GLY A 285 0.57 0.32 26.45
C GLY A 285 1.05 -0.56 27.60
N LYS A 286 2.37 -0.71 27.78
CA LYS A 286 2.89 -1.59 28.86
C LYS A 286 3.93 -0.94 29.77
N ALA A 287 4.32 0.31 29.46
CA ALA A 287 5.46 0.94 30.15
C ALA A 287 5.08 1.40 31.52
N ASN A 288 6.06 1.46 32.45
CA ASN A 288 5.88 2.14 33.71
C ASN A 288 6.22 3.62 33.59
N ALA A 289 6.04 4.40 34.67
CA ALA A 289 6.12 5.80 34.57
C ALA A 289 7.53 6.20 34.12
N ALA A 290 8.52 5.55 34.67
CA ALA A 290 9.90 5.89 34.31
C ALA A 290 10.24 5.63 32.85
N GLN A 291 9.79 4.49 32.35
CA GLN A 291 9.88 4.09 30.90
C GLN A 291 9.16 5.09 29.96
N VAL A 292 7.99 5.55 30.41
CA VAL A 292 7.27 6.54 29.62
C VAL A 292 8.07 7.83 29.59
N ALA A 293 8.59 8.27 30.72
CA ALA A 293 9.37 9.52 30.74
C ALA A 293 10.66 9.50 29.90
N GLU A 294 11.37 8.36 29.86
CA GLU A 294 12.61 8.17 29.12
C GLU A 294 12.23 8.14 27.65
N PHE A 295 11.11 7.47 27.34
CA PHE A 295 10.67 7.45 25.96
C PHE A 295 10.38 8.90 25.53
N LYS A 296 9.65 9.67 26.32
CA LYS A 296 9.29 11.08 25.92
C LYS A 296 10.58 11.93 25.72
N ALA A 297 11.60 11.69 26.55
CA ALA A 297 12.80 12.52 26.49
C ALA A 297 13.61 12.16 25.27
N ASN A 298 13.36 11.02 24.63
CA ASN A 298 14.19 10.61 23.52
C ASN A 298 13.51 10.47 22.15
N TYR A 299 12.18 10.40 22.12
CA TYR A 299 11.52 10.03 20.85
C TYR A 299 11.43 11.27 19.94
N GLY A 300 11.53 11.01 18.62
CA GLY A 300 11.29 12.05 17.59
C GLY A 300 12.46 13.05 17.45
N GLU A 301 13.69 12.56 17.67
CA GLU A 301 14.93 13.33 17.64
C GLU A 301 15.87 12.63 16.68
N LYS A 302 16.54 13.43 15.86
CA LYS A 302 17.48 12.86 14.91
C LYS A 302 18.72 12.30 15.62
N ASP A 303 19.12 12.91 16.74
CA ASP A 303 20.28 12.47 17.55
C ASP A 303 20.34 10.92 17.71
N PRO A 304 21.37 10.27 17.14
CA PRO A 304 21.51 8.84 17.21
C PRO A 304 21.62 8.28 18.59
N ALA A 305 22.16 9.06 19.53
CA ALA A 305 22.21 8.56 20.93
C ALA A 305 20.79 8.37 21.45
N LYS A 306 19.88 9.29 21.09
CA LYS A 306 18.48 9.21 21.57
C LYS A 306 17.68 8.08 20.86
N VAL A 307 17.87 7.97 19.55
CA VAL A 307 17.27 6.86 18.81
C VAL A 307 17.73 5.52 19.41
N ALA A 308 19.01 5.38 19.76
CA ALA A 308 19.46 4.11 20.34
C ALA A 308 18.83 3.87 21.73
N VAL A 309 18.59 4.93 22.52
CA VAL A 309 17.80 4.80 23.80
C VAL A 309 16.35 4.25 23.55
N VAL A 310 15.67 4.81 22.53
CA VAL A 310 14.32 4.31 22.17
C VAL A 310 14.35 2.83 21.76
N LYS A 311 15.37 2.44 20.99
CA LYS A 311 15.57 0.99 20.61
C LYS A 311 15.84 0.11 21.80
N ARG A 312 16.69 0.59 22.69
CA ARG A 312 16.97 -0.14 23.94
C ARG A 312 15.66 -0.28 24.75
N LEU A 313 14.85 0.77 24.81
CA LEU A 313 13.61 0.67 25.59
C LEU A 313 12.68 -0.39 24.99
N TYR A 314 12.62 -0.42 23.67
CA TYR A 314 11.77 -1.38 22.97
C TYR A 314 12.28 -2.84 23.21
N SER A 315 13.61 -3.03 23.12
CA SER A 315 14.23 -4.34 23.34
C SER A 315 13.93 -4.80 24.76
N LYS A 316 14.28 -3.97 25.75
CA LYS A 316 13.95 -4.30 27.16
C LYS A 316 12.48 -4.59 27.45
N ALA A 317 11.55 -4.01 26.68
CA ALA A 317 10.12 -4.09 26.97
C ALA A 317 9.47 -5.39 26.42
N ASN A 318 10.20 -6.20 25.68
CA ASN A 318 9.76 -7.54 25.29
C ASN A 318 8.52 -7.40 24.39
N LEU A 319 8.65 -6.57 23.39
CA LEU A 319 7.55 -6.34 22.48
C LEU A 319 7.32 -7.53 21.57
N GLN A 320 8.28 -8.47 21.47
CA GLN A 320 8.08 -9.76 20.74
C GLN A 320 6.94 -10.53 21.33
N ALA A 321 6.75 -10.40 22.63
CA ALA A 321 5.68 -11.13 23.30
C ALA A 321 4.36 -10.58 22.82
N ASP A 322 4.25 -9.26 22.82
CA ASP A 322 3.00 -8.59 22.45
C ASP A 322 2.73 -8.90 21.00
N PHE A 323 3.80 -8.98 20.19
CA PHE A 323 3.61 -9.19 18.75
C PHE A 323 3.07 -10.61 18.43
N ALA A 324 3.62 -11.63 19.09
CA ALA A 324 3.12 -12.99 18.90
C ALA A 324 1.70 -13.10 19.39
N ALA A 325 1.36 -12.43 20.51
CA ALA A 325 -0.05 -12.35 20.94
C ALA A 325 -0.96 -11.69 19.89
N TYR A 326 -0.49 -10.60 19.29
CA TYR A 326 -1.25 -9.91 18.27
C TYR A 326 -1.48 -10.83 17.08
N GLU A 327 -0.41 -11.47 16.67
CA GLU A 327 -0.29 -12.40 15.53
C GLU A 327 -1.20 -13.56 15.71
N ALA A 328 -1.18 -14.12 16.93
CA ALA A 328 -2.23 -15.13 17.29
C ALA A 328 -3.68 -14.74 17.12
N GLU A 329 -4.01 -13.56 17.58
CA GLU A 329 -5.35 -13.03 17.46
C GLU A 329 -5.72 -12.75 15.99
N VAL A 330 -4.82 -12.16 15.23
CA VAL A 330 -5.05 -11.94 13.79
C VAL A 330 -5.24 -13.34 13.08
N VAL A 331 -4.39 -14.31 13.37
CA VAL A 331 -4.64 -15.72 12.80
C VAL A 331 -6.05 -16.21 13.08
N ARG A 332 -6.49 -16.08 14.33
CA ARG A 332 -7.87 -16.37 14.70
C ARG A 332 -8.92 -15.67 13.88
N GLU A 333 -8.77 -14.37 13.72
CA GLU A 333 -9.88 -13.61 13.15
C GLU A 333 -9.91 -13.80 11.60
N VAL A 334 -8.72 -13.99 11.04
CA VAL A 334 -8.60 -14.08 9.56
C VAL A 334 -9.15 -15.42 9.14
N GLU A 335 -8.82 -16.48 9.87
CA GLU A 335 -9.47 -17.81 9.69
C GLU A 335 -11.00 -17.77 9.89
N SER A 336 -11.51 -17.02 10.86
CA SER A 336 -12.96 -16.91 11.01
C SER A 336 -13.57 -16.26 9.77
N LEU A 337 -12.95 -15.14 9.34
CA LEU A 337 -13.47 -14.45 8.16
C LEU A 337 -13.40 -15.28 6.88
N ILE A 338 -12.33 -16.05 6.72
CA ILE A 338 -12.16 -16.94 5.56
C ILE A 338 -13.36 -17.92 5.59
N GLU A 339 -13.65 -18.45 6.78
CA GLU A 339 -14.75 -19.35 6.86
C GLU A 339 -16.07 -18.75 6.52
N GLN A 340 -16.35 -17.54 7.00
CA GLN A 340 -17.52 -16.87 6.67
C GLN A 340 -17.54 -16.68 5.08
N LEU A 341 -16.35 -16.45 4.48
CA LEU A 341 -16.25 -16.18 2.99
C LEU A 341 -16.63 -17.40 2.18
N LYS A 342 -16.42 -18.59 2.72
CA LYS A 342 -16.93 -19.87 2.08
C LYS A 342 -18.44 -20.09 2.00
N VAL A 343 -19.24 -19.44 2.83
CA VAL A 343 -20.71 -19.59 2.71
C VAL A 343 -21.08 -19.22 1.27
N LYS A 344 -20.56 -18.11 0.76
CA LYS A 344 -20.84 -17.71 -0.62
C LYS A 344 -19.81 -18.09 -1.68
N SER A 345 -18.52 -18.10 -1.42
CA SER A 345 -17.52 -18.54 -2.44
C SER A 345 -16.28 -19.23 -1.92
N PRO A 346 -16.27 -20.57 -2.03
CA PRO A 346 -15.02 -21.25 -1.74
C PRO A 346 -13.80 -20.76 -2.48
N THR A 347 -13.94 -20.56 -3.78
CA THR A 347 -12.90 -19.98 -4.58
C THR A 347 -12.36 -18.64 -4.03
N PHE A 348 -13.29 -17.73 -3.79
CA PHE A 348 -12.87 -16.37 -3.29
C PHE A 348 -12.20 -16.54 -1.96
N ALA A 349 -12.79 -17.36 -1.08
CA ALA A 349 -12.12 -17.61 0.24
C ALA A 349 -10.71 -18.16 0.12
N GLU A 350 -10.47 -19.02 -0.87
CA GLU A 350 -9.18 -19.53 -1.12
C GLU A 350 -8.23 -18.48 -1.61
N SER A 351 -8.73 -17.53 -2.43
CA SER A 351 -7.82 -16.44 -2.83
C SER A 351 -7.39 -15.60 -1.62
N VAL A 352 -8.35 -15.36 -0.73
CA VAL A 352 -8.06 -14.63 0.50
C VAL A 352 -7.06 -15.39 1.35
N ALA A 353 -7.23 -16.71 1.45
CA ALA A 353 -6.18 -17.56 2.10
C ALA A 353 -4.80 -17.39 1.55
N VAL A 354 -4.65 -17.31 0.23
CA VAL A 354 -3.39 -17.19 -0.34
C VAL A 354 -2.81 -15.80 0.00
N VAL A 355 -3.64 -14.79 -0.03
CA VAL A 355 -3.23 -13.42 0.33
C VAL A 355 -2.72 -13.38 1.76
N TRP A 356 -3.50 -14.07 2.63
CA TRP A 356 -3.06 -14.18 4.02
C TRP A 356 -1.72 -14.92 4.15
N GLU A 357 -1.52 -16.05 3.45
CA GLU A 357 -0.26 -16.81 3.53
C GLU A 357 0.90 -16.00 3.05
N LYS A 358 0.73 -15.18 2.00
CA LYS A 358 1.84 -14.41 1.46
C LYS A 358 2.19 -13.28 2.36
N THR A 359 1.23 -12.81 3.13
CA THR A 359 1.42 -11.76 4.13
C THR A 359 2.08 -12.27 5.40
N HIS A 360 1.56 -13.39 5.87
CA HIS A 360 1.97 -13.97 7.17
C HIS A 360 3.35 -14.63 7.16
N LYS A 361 3.93 -14.93 5.99
CA LYS A 361 5.33 -15.44 5.88
C LYS A 361 6.46 -14.40 5.59
N ARG A 362 6.32 -13.56 4.55
CA ARG A 362 7.45 -12.82 3.86
C ARG A 362 8.91 -12.94 4.41
#